data_1A8J
#
_entry.id   1A8J
#
_cell.length_a   72.300
_cell.length_b   72.300
_cell.length_c   185.900
_cell.angle_alpha   90.00
_cell.angle_beta   90.00
_cell.angle_gamma   120.00
#
_symmetry.space_group_name_H-M   'P 31 2 1'
#
loop_
_entity.id
_entity.type
_entity.pdbx_description
1 polymer 'IMMUNOGLOBULIN LAMBDA LIGHT CHAIN DIMER (MCG)'
2 non-polymer 'N-L-ALPHA-ASPARTYL L-PHENYLALANINE 1-METHYL ESTER'
#
_entity_poly.entity_id   1
_entity_poly.type   'polypeptide(L)'
_entity_poly.pdbx_seq_one_letter_code
;(PCA)SALTQPPSASGSLGQSVTISCTGTSSDVGGYNYVSWYQQHAGKAPKVIIYEVNKRPSGVPDRFSGSKSGNTASLT
VSGLQAEDEADYYCSSYEGSDNFVFGTGTKVTVLGQPKANPTVTLFPPSSEELQANKATLVCLISDFYPGAVTVAWKADG
SPVKAGVETTKPSKQSNNKYAASSYLSLTPEQWKSHRSYSCQVTHEGSTVEKTVAPTECS
;
_entity_poly.pdbx_strand_id   L,H
#
loop_
_chem_comp.id
_chem_comp.type
_chem_comp.name
_chem_comp.formula
PME non-polymer 'N-L-ALPHA-ASPARTYL L-PHENYLALANINE 1-METHYL ESTER' 'C14 H18 N2 O5'
#
# COMPACT_ATOMS: atom_id res chain seq x y z
N PCA A 1 -12.38 -27.23 2.90
CA PCA A 1 -11.87 -27.32 4.29
CB PCA A 1 -11.92 -28.81 4.66
CG PCA A 1 -12.42 -29.54 3.40
CD PCA A 1 -12.70 -28.42 2.40
OE PCA A 1 -13.18 -28.57 1.27
C PCA A 1 -10.45 -26.79 4.40
O PCA A 1 -10.21 -25.67 4.84
N SER A 2 -9.50 -27.61 3.97
CA SER A 2 -8.09 -27.26 4.00
C SER A 2 -7.71 -26.48 2.76
N ALA A 3 -6.49 -25.95 2.76
CA ALA A 3 -5.96 -25.20 1.63
C ALA A 3 -5.18 -26.14 0.68
N LEU A 4 -4.57 -25.56 -0.35
CA LEU A 4 -3.81 -26.35 -1.31
C LEU A 4 -2.32 -26.15 -1.06
N THR A 5 -1.71 -27.11 -0.38
CA THR A 5 -0.29 -27.05 -0.02
C THR A 5 0.62 -26.40 -1.07
N GLN A 6 1.03 -25.18 -0.74
CA GLN A 6 1.90 -24.37 -1.57
C GLN A 6 3.16 -24.11 -0.75
N PRO A 7 4.34 -24.14 -1.39
CA PRO A 7 5.53 -23.91 -0.56
C PRO A 7 5.50 -22.50 0.05
N PRO A 8 6.28 -22.28 1.13
CA PRO A 8 6.36 -20.99 1.81
C PRO A 8 7.50 -20.09 1.33
N SER A 9 8.19 -20.48 0.26
CA SER A 9 9.29 -19.65 -0.25
C SER A 9 10.03 -20.18 -1.48
N ALA A 10 10.55 -19.24 -2.26
CA ALA A 10 11.30 -19.51 -3.49
C ALA A 10 12.37 -18.43 -3.70
N SER A 11 13.35 -18.72 -4.56
CA SER A 11 14.42 -17.77 -4.81
C SER A 11 14.97 -17.93 -6.23
N GLY A 12 15.06 -16.83 -6.96
CA GLY A 12 15.56 -16.88 -8.32
C GLY A 12 16.65 -15.85 -8.55
N SER A 13 16.98 -15.58 -9.80
CA SER A 13 18.03 -14.62 -10.09
C SER A 13 17.95 -13.88 -11.42
N LEU A 14 17.67 -12.58 -11.30
CA LEU A 14 17.56 -11.66 -12.43
C LEU A 14 17.82 -12.29 -13.80
N GLY A 15 16.76 -12.73 -14.46
CA GLY A 15 16.91 -13.33 -15.76
C GLY A 15 16.70 -14.83 -15.70
N GLN A 16 16.86 -15.39 -14.51
CA GLN A 16 16.69 -16.82 -14.32
C GLN A 16 15.20 -17.17 -14.43
N SER A 17 14.76 -18.11 -13.63
CA SER A 17 13.37 -18.55 -13.63
C SER A 17 13.05 -19.36 -12.38
N VAL A 18 11.79 -19.28 -11.93
CA VAL A 18 11.39 -20.03 -10.74
C VAL A 18 9.98 -20.58 -10.92
N THR A 19 9.78 -21.83 -10.52
CA THR A 19 8.48 -22.45 -10.62
C THR A 19 7.88 -22.60 -9.23
N ILE A 20 6.78 -21.89 -9.00
CA ILE A 20 6.04 -21.93 -7.74
C ILE A 20 4.92 -22.93 -7.97
N SER A 21 4.83 -23.97 -7.15
CA SER A 21 3.80 -24.99 -7.31
C SER A 21 2.99 -25.27 -6.05
N CYS A 22 1.68 -25.45 -6.22
CA CYS A 22 0.80 -25.74 -5.10
C CYS A 22 0.16 -27.12 -5.33
N THR A 23 -0.24 -27.81 -4.26
CA THR A 23 -0.85 -29.15 -4.36
C THR A 23 -2.13 -29.32 -3.56
N GLY A 24 -3.01 -30.22 -4.02
CA GLY A 24 -4.25 -30.48 -3.31
C GLY A 24 -4.65 -31.94 -3.40
N THR A 25 -5.96 -32.20 -3.52
CA THR A 25 -6.47 -33.56 -3.65
C THR A 25 -7.20 -33.73 -4.99
N SER A 26 -7.64 -34.96 -5.24
CA SER A 26 -8.37 -35.29 -6.46
C SER A 26 -9.84 -34.88 -6.31
N SER A 27 -10.13 -33.97 -5.38
CA SER A 27 -11.50 -33.50 -5.13
C SER A 27 -11.71 -32.08 -5.62
N ASP A 28 -10.74 -31.21 -5.34
CA ASP A 28 -10.77 -29.80 -5.74
C ASP A 28 -9.76 -29.55 -6.84
N VAL A 29 -8.48 -29.62 -6.49
CA VAL A 29 -7.44 -29.42 -7.47
C VAL A 29 -7.45 -30.61 -8.40
N GLY A 30 -7.05 -31.76 -7.86
CA GLY A 30 -6.95 -33.00 -8.61
C GLY A 30 -8.11 -33.44 -9.47
N GLY A 31 -9.28 -32.83 -9.30
CA GLY A 31 -10.42 -33.22 -10.09
C GLY A 31 -10.68 -32.39 -11.33
N TYR A 32 -10.58 -31.07 -11.20
CA TYR A 32 -10.85 -30.16 -12.32
C TYR A 32 -9.65 -29.44 -12.95
N ASN A 33 -9.97 -28.52 -13.85
CA ASN A 33 -8.97 -27.73 -14.57
C ASN A 33 -9.20 -26.25 -14.26
N TYR A 34 -9.40 -25.92 -12.99
CA TYR A 34 -9.63 -24.54 -12.57
C TYR A 34 -8.63 -24.12 -11.50
N VAL A 35 -7.36 -24.47 -11.73
CA VAL A 35 -6.31 -24.12 -10.80
C VAL A 35 -5.70 -22.83 -11.29
N SER A 36 -6.01 -21.75 -10.57
CA SER A 36 -5.54 -20.43 -10.93
C SER A 36 -4.52 -19.86 -9.96
N TRP A 37 -3.79 -18.83 -10.40
CA TRP A 37 -2.76 -18.22 -9.56
C TRP A 37 -2.93 -16.71 -9.38
N TYR A 38 -2.82 -16.25 -8.14
CA TYR A 38 -2.93 -14.84 -7.82
C TYR A 38 -1.57 -14.31 -7.38
N GLN A 39 -1.45 -12.99 -7.26
CA GLN A 39 -0.20 -12.36 -6.86
C GLN A 39 -0.42 -10.94 -6.30
N GLN A 40 -0.36 -10.82 -4.98
CA GLN A 40 -0.56 -9.52 -4.36
C GLN A 40 0.80 -9.03 -3.88
N HIS A 41 1.00 -7.72 -3.94
CA HIS A 41 2.27 -7.16 -3.48
C HIS A 41 2.15 -6.70 -2.03
N ALA A 42 3.05 -7.21 -1.20
CA ALA A 42 3.12 -6.88 0.22
C ALA A 42 1.95 -6.07 0.79
N GLY A 43 0.94 -6.78 1.28
CA GLY A 43 -0.22 -6.12 1.86
C GLY A 43 -0.82 -5.09 0.91
N LYS A 44 -1.38 -5.60 -0.17
CA LYS A 44 -2.00 -4.76 -1.19
C LYS A 44 -2.84 -5.70 -2.04
N ALA A 45 -3.96 -5.19 -2.55
CA ALA A 45 -4.90 -5.97 -3.38
C ALA A 45 -4.25 -7.02 -4.28
N PRO A 46 -4.88 -8.22 -4.37
CA PRO A 46 -4.38 -9.30 -5.20
C PRO A 46 -4.61 -9.04 -6.68
N LYS A 47 -3.99 -9.86 -7.51
CA LYS A 47 -4.14 -9.74 -8.95
C LYS A 47 -4.05 -11.15 -9.54
N VAL A 48 -4.67 -11.37 -10.69
CA VAL A 48 -4.63 -12.67 -11.29
C VAL A 48 -3.69 -12.66 -12.48
N ILE A 49 -2.85 -13.68 -12.55
CA ILE A 49 -1.88 -13.79 -13.64
C ILE A 49 -1.99 -15.18 -14.31
N ILE A 50 -2.99 -15.95 -13.87
CA ILE A 50 -3.23 -17.28 -14.41
C ILE A 50 -4.67 -17.71 -14.16
N TYR A 51 -5.23 -18.44 -15.10
CA TYR A 51 -6.59 -18.93 -14.98
C TYR A 51 -6.79 -20.19 -15.83
N GLU A 52 -7.68 -21.07 -15.39
CA GLU A 52 -7.93 -22.31 -16.11
C GLU A 52 -6.59 -23.04 -16.16
N VAL A 53 -5.81 -22.86 -15.10
CA VAL A 53 -4.49 -23.44 -14.92
C VAL A 53 -3.43 -22.78 -15.81
N ASN A 54 -3.43 -23.14 -17.10
CA ASN A 54 -2.45 -22.61 -18.06
C ASN A 54 -3.03 -21.57 -19.00
N LYS A 55 -3.17 -20.33 -18.50
CA LYS A 55 -3.73 -19.22 -19.28
C LYS A 55 -3.44 -17.90 -18.56
N ARG A 56 -3.54 -16.78 -19.27
CA ARG A 56 -3.29 -15.46 -18.67
C ARG A 56 -4.18 -14.29 -19.14
N PRO A 57 -4.64 -13.45 -18.20
CA PRO A 57 -5.46 -12.30 -18.60
C PRO A 57 -4.62 -11.38 -19.51
N SER A 58 -5.28 -10.70 -20.44
CA SER A 58 -4.60 -9.82 -21.39
C SER A 58 -3.69 -8.75 -20.79
N GLY A 59 -2.89 -9.14 -19.80
CA GLY A 59 -2.00 -8.18 -19.18
C GLY A 59 -0.69 -8.82 -18.72
N VAL A 60 -0.79 -9.93 -18.01
CA VAL A 60 0.39 -10.60 -17.51
C VAL A 60 1.25 -11.08 -18.68
N PRO A 61 2.57 -10.81 -18.60
CA PRO A 61 3.57 -11.16 -19.62
C PRO A 61 3.90 -12.65 -19.77
N ASP A 62 4.67 -12.90 -20.82
CA ASP A 62 5.13 -14.23 -21.25
C ASP A 62 6.12 -14.97 -20.33
N ARG A 63 6.37 -14.44 -19.15
CA ARG A 63 7.28 -15.09 -18.20
C ARG A 63 6.39 -15.85 -17.23
N PHE A 64 5.12 -15.48 -17.22
CA PHE A 64 4.14 -16.11 -16.36
C PHE A 64 3.52 -17.29 -17.08
N SER A 65 3.57 -18.46 -16.46
CA SER A 65 3.04 -19.67 -17.06
C SER A 65 3.03 -20.84 -16.08
N GLY A 66 1.86 -21.37 -15.83
CA GLY A 66 1.73 -22.48 -14.92
C GLY A 66 1.06 -23.61 -15.66
N SER A 67 1.13 -24.81 -15.12
CA SER A 67 0.53 -25.96 -15.76
C SER A 67 0.28 -27.07 -14.75
N LYS A 68 -0.87 -27.74 -14.89
CA LYS A 68 -1.23 -28.83 -13.97
C LYS A 68 -0.57 -30.15 -14.34
N SER A 69 -0.05 -30.80 -13.32
CA SER A 69 0.62 -32.08 -13.49
C SER A 69 -0.25 -33.20 -12.94
N GLY A 70 -0.25 -33.35 -11.62
CA GLY A 70 -1.04 -34.38 -10.98
C GLY A 70 -2.23 -33.77 -10.26
N ASN A 71 -2.11 -33.66 -8.94
CA ASN A 71 -3.15 -33.08 -8.11
C ASN A 71 -2.57 -31.75 -7.67
N THR A 72 -1.50 -31.36 -8.35
CA THR A 72 -0.81 -30.12 -8.09
C THR A 72 -0.50 -29.41 -9.39
N ALA A 73 -0.90 -28.15 -9.48
CA ALA A 73 -0.60 -27.35 -10.66
C ALA A 73 0.75 -26.72 -10.30
N SER A 74 1.13 -25.67 -11.00
CA SER A 74 2.39 -25.03 -10.72
C SER A 74 2.68 -23.93 -11.71
N LEU A 75 3.07 -22.77 -11.20
CA LEU A 75 3.42 -21.61 -12.01
C LEU A 75 4.94 -21.43 -11.99
N THR A 76 5.49 -20.87 -13.05
CA THR A 76 6.93 -20.63 -13.11
C THR A 76 7.17 -19.30 -13.81
N VAL A 77 8.20 -18.58 -13.39
CA VAL A 77 8.49 -17.29 -13.99
C VAL A 77 9.95 -17.15 -14.37
N SER A 78 10.19 -16.86 -15.64
CA SER A 78 11.54 -16.66 -16.18
C SER A 78 11.71 -15.19 -16.45
N GLY A 79 12.85 -14.81 -17.00
CA GLY A 79 13.09 -13.39 -17.28
C GLY A 79 12.90 -12.67 -15.95
N LEU A 80 13.18 -13.40 -14.87
CA LEU A 80 13.05 -12.92 -13.51
C LEU A 80 13.56 -11.50 -13.36
N GLN A 81 12.76 -10.68 -12.66
CA GLN A 81 13.07 -9.28 -12.41
C GLN A 81 12.81 -8.99 -10.95
N ALA A 82 13.26 -7.83 -10.49
CA ALA A 82 13.07 -7.42 -9.10
C ALA A 82 11.60 -7.19 -8.77
N GLU A 83 10.88 -6.60 -9.72
CA GLU A 83 9.46 -6.31 -9.54
C GLU A 83 8.66 -7.57 -9.31
N ASP A 84 9.25 -8.74 -9.57
CA ASP A 84 8.53 -9.99 -9.39
C ASP A 84 8.46 -10.45 -7.93
N GLU A 85 9.20 -9.78 -7.06
CA GLU A 85 9.19 -10.11 -5.63
C GLU A 85 7.75 -9.97 -5.12
N ALA A 86 7.16 -11.07 -4.65
CA ALA A 86 5.80 -11.02 -4.16
C ALA A 86 5.28 -12.35 -3.64
N ASP A 87 4.12 -12.30 -2.99
CA ASP A 87 3.47 -13.49 -2.47
C ASP A 87 2.47 -13.95 -3.53
N TYR A 88 2.50 -15.23 -3.85
CA TYR A 88 1.61 -15.78 -4.86
C TYR A 88 0.65 -16.76 -4.21
N TYR A 89 -0.57 -16.83 -4.74
CA TYR A 89 -1.58 -17.74 -4.20
C TYR A 89 -2.06 -18.60 -5.33
N CYS A 90 -2.53 -19.79 -4.98
CA CYS A 90 -3.06 -20.76 -5.93
C CYS A 90 -4.49 -21.07 -5.50
N SER A 91 -5.40 -21.16 -6.47
CA SER A 91 -6.79 -21.45 -6.16
C SER A 91 -7.14 -22.78 -6.78
N SER A 92 -8.41 -23.14 -6.68
CA SER A 92 -8.92 -24.39 -7.25
C SER A 92 -10.38 -24.66 -6.91
N TYR A 93 -11.14 -24.97 -7.94
CA TYR A 93 -12.56 -25.25 -7.78
C TYR A 93 -12.78 -26.46 -6.89
N GLU A 94 -13.63 -26.31 -5.90
CA GLU A 94 -13.95 -27.41 -5.00
C GLU A 94 -15.29 -27.98 -5.46
N GLY A 95 -16.09 -28.43 -4.51
CA GLY A 95 -17.38 -28.97 -4.88
C GLY A 95 -18.40 -27.88 -5.12
N SER A 96 -19.51 -27.97 -4.40
CA SER A 96 -20.62 -27.02 -4.48
C SER A 96 -20.20 -25.54 -4.43
N ASP A 97 -19.82 -25.00 -5.58
CA ASP A 97 -19.41 -23.60 -5.72
C ASP A 97 -18.34 -23.19 -4.72
N ASN A 98 -17.56 -24.16 -4.22
CA ASN A 98 -16.51 -23.86 -3.26
C ASN A 98 -15.15 -23.65 -3.95
N PHE A 99 -14.43 -22.61 -3.52
CA PHE A 99 -13.11 -22.28 -4.08
C PHE A 99 -12.04 -22.33 -2.97
N VAL A 100 -10.90 -22.97 -3.24
CA VAL A 100 -9.84 -23.08 -2.23
C VAL A 100 -8.49 -22.50 -2.66
N PHE A 101 -7.77 -21.90 -1.71
CA PHE A 101 -6.47 -21.27 -1.98
C PHE A 101 -5.27 -21.99 -1.39
N GLY A 102 -4.08 -21.60 -1.86
CA GLY A 102 -2.86 -22.22 -1.39
C GLY A 102 -2.44 -21.62 -0.08
N THR A 103 -1.37 -22.16 0.50
CA THR A 103 -0.89 -21.65 1.78
C THR A 103 0.06 -20.47 1.59
N GLY A 104 0.27 -20.08 0.33
CA GLY A 104 1.14 -18.94 0.05
C GLY A 104 2.62 -19.20 -0.15
N THR A 105 3.22 -18.36 -0.98
CA THR A 105 4.64 -18.42 -1.31
C THR A 105 5.15 -16.98 -1.45
N LYS A 106 6.32 -16.73 -0.88
CA LYS A 106 6.94 -15.41 -0.98
C LYS A 106 8.24 -15.59 -1.76
N VAL A 107 8.22 -15.23 -3.05
CA VAL A 107 9.41 -15.35 -3.90
C VAL A 107 10.27 -14.12 -3.73
N THR A 108 11.57 -14.35 -3.64
CA THR A 108 12.55 -13.28 -3.45
C THR A 108 13.57 -13.30 -4.58
N VAL A 109 13.46 -12.37 -5.50
CA VAL A 109 14.40 -12.29 -6.60
C VAL A 109 15.75 -11.85 -6.04
N LEU A 110 16.67 -12.79 -5.90
CA LEU A 110 17.99 -12.49 -5.38
C LEU A 110 18.93 -11.89 -6.41
N GLY A 111 20.08 -11.43 -5.94
CA GLY A 111 21.05 -10.82 -6.83
C GLY A 111 20.68 -9.38 -7.10
N GLN A 112 19.63 -8.90 -6.41
CA GLN A 112 19.16 -7.53 -6.59
C GLN A 112 20.19 -6.49 -6.16
N PRO A 113 20.65 -5.63 -7.08
CA PRO A 113 21.63 -4.59 -6.80
C PRO A 113 21.30 -3.78 -5.55
N LYS A 114 22.33 -3.50 -4.76
CA LYS A 114 22.17 -2.74 -3.52
C LYS A 114 22.22 -1.24 -3.77
N ALA A 115 21.32 -0.51 -3.12
CA ALA A 115 21.29 0.93 -3.29
C ALA A 115 21.46 1.67 -1.96
N ASN A 116 22.16 2.80 -2.02
CA ASN A 116 22.41 3.66 -0.89
C ASN A 116 21.22 4.63 -0.93
N PRO A 117 20.69 5.05 0.22
CA PRO A 117 19.53 5.95 0.19
C PRO A 117 19.81 7.35 -0.33
N THR A 118 18.72 8.08 -0.54
CA THR A 118 18.79 9.44 -1.01
C THR A 118 18.00 10.24 0.00
N VAL A 119 18.71 10.82 0.97
CA VAL A 119 18.05 11.57 2.01
C VAL A 119 17.75 13.01 1.61
N THR A 120 16.49 13.37 1.75
CA THR A 120 16.01 14.71 1.44
C THR A 120 15.40 15.25 2.74
N LEU A 121 15.96 16.35 3.22
CA LEU A 121 15.50 17.00 4.45
C LEU A 121 14.58 18.13 4.08
N PHE A 122 13.54 18.33 4.89
CA PHE A 122 12.57 19.36 4.62
C PHE A 122 12.35 20.31 5.77
N PRO A 123 12.25 21.62 5.48
CA PRO A 123 12.00 22.66 6.48
C PRO A 123 10.47 22.88 6.55
N PRO A 124 9.95 23.20 7.75
CA PRO A 124 8.51 23.42 7.94
C PRO A 124 7.88 24.38 6.93
N SER A 125 6.64 24.07 6.57
CA SER A 125 5.87 24.86 5.60
C SER A 125 5.92 26.37 5.87
N SER A 126 5.52 27.12 4.85
CA SER A 126 5.45 28.57 4.93
C SER A 126 4.13 28.81 5.65
N GLU A 127 3.35 27.74 5.75
CA GLU A 127 2.03 27.78 6.37
C GLU A 127 1.97 26.95 7.65
N GLU A 128 2.93 26.04 7.81
CA GLU A 128 3.01 25.19 8.99
C GLU A 128 3.29 26.10 10.16
N LEU A 129 4.24 26.99 9.93
CA LEU A 129 4.66 27.96 10.94
C LEU A 129 3.63 29.04 11.14
N GLN A 130 2.59 29.03 10.30
CA GLN A 130 1.52 30.01 10.40
C GLN A 130 0.52 29.59 11.47
N ALA A 131 0.35 28.28 11.64
CA ALA A 131 -0.56 27.72 12.63
C ALA A 131 0.18 27.48 13.94
N ASN A 132 1.35 28.11 14.06
CA ASN A 132 2.16 27.98 15.25
C ASN A 132 2.59 26.53 15.46
N LYS A 133 3.14 25.94 14.40
CA LYS A 133 3.62 24.57 14.43
C LYS A 133 4.92 24.53 13.63
N ALA A 134 5.63 23.41 13.71
CA ALA A 134 6.88 23.26 12.97
C ALA A 134 7.38 21.83 13.07
N THR A 135 7.32 21.09 11.97
CA THR A 135 7.80 19.72 11.95
C THR A 135 8.68 19.49 10.74
N LEU A 136 9.79 18.78 10.94
CA LEU A 136 10.75 18.47 9.88
C LEU A 136 10.60 17.01 9.50
N VAL A 137 10.72 16.70 8.21
CA VAL A 137 10.58 15.33 7.74
C VAL A 137 11.81 14.95 6.94
N CYS A 138 12.44 13.84 7.32
CA CYS A 138 13.62 13.36 6.62
C CYS A 138 13.21 12.27 5.65
N LEU A 139 13.12 12.61 4.39
CA LEU A 139 12.72 11.67 3.38
C LEU A 139 13.86 10.78 2.92
N ILE A 140 13.86 9.54 3.41
CA ILE A 140 14.86 8.53 3.04
C ILE A 140 14.18 7.71 1.97
N SER A 141 14.78 7.61 0.79
CA SER A 141 14.16 6.85 -0.29
C SER A 141 15.16 6.29 -1.28
N ASP A 142 14.64 5.51 -2.21
CA ASP A 142 15.43 4.88 -3.28
C ASP A 142 16.59 4.05 -2.82
N PHE A 143 16.41 3.26 -1.76
CA PHE A 143 17.51 2.43 -1.27
C PHE A 143 17.17 0.95 -1.16
N TYR A 144 18.20 0.14 -1.02
CA TYR A 144 18.07 -1.32 -0.93
C TYR A 144 19.43 -1.91 -0.49
N PRO A 145 19.42 -2.94 0.37
CA PRO A 145 18.32 -3.67 1.01
C PRO A 145 17.30 -2.80 1.74
N GLY A 146 16.41 -3.45 2.49
CA GLY A 146 15.37 -2.73 3.17
C GLY A 146 15.51 -2.37 4.63
N ALA A 147 16.74 -2.19 5.09
CA ALA A 147 16.98 -1.82 6.49
C ALA A 147 17.81 -0.55 6.58
N VAL A 148 17.44 0.35 7.47
CA VAL A 148 18.13 1.63 7.64
C VAL A 148 18.01 2.21 9.05
N THR A 149 18.90 3.14 9.39
CA THR A 149 18.88 3.78 10.70
C THR A 149 18.84 5.29 10.51
N VAL A 150 17.74 5.91 10.94
CA VAL A 150 17.55 7.36 10.83
C VAL A 150 17.79 8.02 12.18
N ALA A 151 18.61 9.07 12.21
CA ALA A 151 18.91 9.75 13.45
C ALA A 151 18.88 11.26 13.27
N TRP A 152 18.53 11.96 14.35
CA TRP A 152 18.45 13.42 14.33
C TRP A 152 19.28 14.03 15.45
N LYS A 153 19.95 15.14 15.15
CA LYS A 153 20.74 15.84 16.14
C LYS A 153 20.41 17.32 16.06
N ALA A 154 20.67 18.05 17.14
CA ALA A 154 20.38 19.47 17.18
C ALA A 154 21.49 20.27 16.49
N ASP A 155 21.93 21.31 17.18
CA ASP A 155 22.99 22.17 16.68
C ASP A 155 24.29 21.40 16.60
N GLY A 156 24.22 20.11 16.95
CA GLY A 156 25.41 19.29 16.88
C GLY A 156 25.28 18.08 17.78
N SER A 157 24.61 18.26 18.91
CA SER A 157 24.41 17.19 19.88
C SER A 157 23.02 16.57 19.71
N PRO A 158 22.89 15.24 19.95
CA PRO A 158 21.63 14.48 19.83
C PRO A 158 20.32 15.22 20.09
N VAL A 159 19.27 14.83 19.35
CA VAL A 159 17.94 15.43 19.45
C VAL A 159 16.87 14.38 19.74
N LYS A 160 17.26 13.11 19.66
CA LYS A 160 16.37 11.99 19.95
C LYS A 160 15.40 12.42 21.05
N ALA A 161 14.16 12.68 20.65
CA ALA A 161 13.10 13.11 21.56
C ALA A 161 12.00 13.84 20.76
N GLY A 162 10.95 13.11 20.41
CA GLY A 162 9.90 13.74 19.63
C GLY A 162 10.14 13.37 18.19
N VAL A 163 10.77 12.23 17.98
CA VAL A 163 11.07 11.78 16.62
C VAL A 163 10.32 10.48 16.33
N GLU A 164 9.63 10.46 15.18
CA GLU A 164 8.88 9.29 14.74
C GLU A 164 9.36 8.87 13.35
N THR A 165 9.83 7.62 13.24
CA THR A 165 10.32 7.04 11.99
C THR A 165 9.30 6.02 11.57
N THR A 166 9.28 5.64 10.30
CA THR A 166 8.34 4.61 9.85
C THR A 166 9.14 3.49 9.25
N LYS A 167 8.52 2.31 9.20
CA LYS A 167 9.14 1.12 8.63
C LYS A 167 9.42 1.39 7.17
N PRO A 168 10.39 0.69 6.58
CA PRO A 168 10.72 0.88 5.17
C PRO A 168 9.78 0.10 4.25
N SER A 169 9.16 0.78 3.29
CA SER A 169 8.23 0.13 2.36
C SER A 169 8.70 0.18 0.91
N LYS A 170 8.55 -0.95 0.22
CA LYS A 170 8.95 -1.03 -1.18
C LYS A 170 8.17 0.00 -2.01
N GLN A 171 8.76 0.46 -3.10
CA GLN A 171 8.11 1.46 -3.93
C GLN A 171 7.56 0.82 -5.19
N SER A 172 7.53 1.61 -6.26
CA SER A 172 7.05 1.12 -7.55
C SER A 172 8.27 0.60 -8.29
N ASN A 173 9.43 1.05 -7.84
CA ASN A 173 10.72 0.68 -8.42
C ASN A 173 11.39 -0.52 -7.74
N ASN A 174 10.61 -1.28 -6.98
CA ASN A 174 11.12 -2.46 -6.27
C ASN A 174 12.19 -2.16 -5.21
N LYS A 175 12.39 -0.88 -4.88
CA LYS A 175 13.36 -0.49 -3.85
C LYS A 175 12.55 0.05 -2.68
N TYR A 176 13.21 0.58 -1.65
CA TYR A 176 12.47 1.07 -0.48
C TYR A 176 12.46 2.59 -0.26
N ALA A 177 11.49 3.03 0.55
CA ALA A 177 11.31 4.43 0.92
C ALA A 177 11.08 4.43 2.44
N ALA A 178 11.10 5.59 3.06
CA ALA A 178 10.88 5.67 4.50
C ALA A 178 11.16 7.08 4.99
N SER A 179 10.27 7.62 5.81
CA SER A 179 10.44 8.97 6.32
C SER A 179 10.65 8.99 7.83
N SER A 180 10.97 10.16 8.35
CA SER A 180 11.21 10.37 9.78
C SER A 180 10.98 11.85 10.07
N TYR A 181 10.03 12.17 10.93
CA TYR A 181 9.77 13.57 11.23
C TYR A 181 10.02 14.04 12.64
N LEU A 182 10.41 15.30 12.75
CA LEU A 182 10.67 15.93 14.03
C LEU A 182 9.59 16.98 14.21
N SER A 183 9.12 17.11 15.45
CA SER A 183 8.10 18.07 15.79
C SER A 183 8.75 19.10 16.69
N LEU A 184 8.89 20.31 16.18
CA LEU A 184 9.50 21.38 16.95
C LEU A 184 8.42 22.41 17.29
N THR A 185 8.83 23.66 17.37
CA THR A 185 7.92 24.77 17.64
C THR A 185 8.69 25.89 16.98
N PRO A 186 7.97 26.85 16.39
CA PRO A 186 8.64 27.96 15.72
C PRO A 186 9.81 28.44 16.58
N GLU A 187 9.55 28.50 17.87
CA GLU A 187 10.51 28.95 18.87
C GLU A 187 11.62 27.92 19.12
N GLN A 188 11.25 26.63 19.13
CA GLN A 188 12.21 25.54 19.36
C GLN A 188 12.92 25.27 18.06
N TRP A 189 12.60 26.08 17.06
CA TRP A 189 13.17 25.95 15.73
C TRP A 189 14.03 27.17 15.40
N LYS A 190 13.61 28.34 15.86
CA LYS A 190 14.33 29.58 15.61
C LYS A 190 15.54 29.70 16.51
N SER A 191 15.35 29.35 17.78
CA SER A 191 16.42 29.41 18.76
C SER A 191 17.42 28.28 18.52
N HIS A 192 18.03 28.27 17.34
CA HIS A 192 19.03 27.26 16.98
C HIS A 192 19.89 27.72 15.83
N ARG A 193 20.63 26.78 15.25
CA ARG A 193 21.52 27.12 14.13
C ARG A 193 21.33 26.19 12.95
N SER A 194 21.14 24.91 13.25
CA SER A 194 20.99 23.92 12.21
C SER A 194 20.74 22.51 12.76
N TYR A 195 19.68 21.88 12.25
CA TYR A 195 19.30 20.53 12.62
C TYR A 195 19.73 19.62 11.48
N SER A 196 20.02 18.37 11.78
CA SER A 196 20.45 17.44 10.75
C SER A 196 19.86 16.04 10.92
N CYS A 197 19.68 15.35 9.80
CA CYS A 197 19.15 14.00 9.83
C CYS A 197 20.20 13.03 9.34
N GLN A 198 20.47 11.99 10.13
CA GLN A 198 21.48 11.00 9.77
C GLN A 198 20.89 9.63 9.42
N VAL A 199 21.26 9.13 8.24
CA VAL A 199 20.76 7.85 7.75
C VAL A 199 21.88 6.85 7.47
N THR A 200 22.09 5.92 8.39
CA THR A 200 23.13 4.91 8.21
C THR A 200 22.56 3.69 7.50
N HIS A 201 23.04 3.44 6.29
CA HIS A 201 22.59 2.30 5.52
C HIS A 201 23.78 1.45 5.07
N GLU A 202 23.81 0.20 5.53
CA GLU A 202 24.89 -0.72 5.18
C GLU A 202 26.22 0.00 5.19
N GLY A 203 26.76 0.18 6.39
CA GLY A 203 28.04 0.85 6.54
C GLY A 203 28.28 2.07 5.66
N SER A 204 27.22 2.79 5.34
CA SER A 204 27.36 3.99 4.52
C SER A 204 26.43 5.06 5.09
N THR A 205 27.02 5.95 5.88
CA THR A 205 26.28 7.02 6.50
C THR A 205 26.14 8.22 5.58
N VAL A 206 24.94 8.80 5.55
CA VAL A 206 24.65 9.99 4.76
C VAL A 206 24.16 10.95 5.84
N GLU A 207 24.22 12.25 5.58
CA GLU A 207 23.78 13.22 6.58
C GLU A 207 23.65 14.63 6.05
N LYS A 208 22.41 15.06 5.85
CA LYS A 208 22.12 16.40 5.38
C LYS A 208 21.67 17.24 6.58
N THR A 209 21.86 18.56 6.50
CA THR A 209 21.48 19.45 7.59
C THR A 209 20.39 20.39 7.10
N VAL A 210 19.89 21.24 7.99
CA VAL A 210 18.87 22.22 7.64
C VAL A 210 19.03 23.54 8.39
N ALA A 211 18.67 24.62 7.73
CA ALA A 211 18.76 25.94 8.31
C ALA A 211 17.52 26.71 7.84
N PRO A 212 17.09 27.72 8.62
CA PRO A 212 15.92 28.52 8.29
C PRO A 212 16.10 29.52 7.13
N THR A 213 15.13 29.48 6.20
CA THR A 213 15.10 30.40 5.06
C THR A 213 13.85 31.28 5.22
N GLU A 214 14.03 32.59 5.04
CA GLU A 214 12.93 33.53 5.17
C GLU A 214 12.31 33.76 3.80
N CYS A 215 11.17 33.11 3.58
CA CYS A 215 10.42 33.21 2.33
C CYS A 215 9.48 32.00 2.16
N SER A 216 10.04 30.79 2.08
CA SER A 216 9.21 29.60 1.91
C SER A 216 9.85 28.33 2.47
N PCA B 1 -7.60 0.58 -13.76
CA PCA B 1 -7.08 -0.78 -13.46
CB PCA B 1 -5.55 -0.59 -13.28
CG PCA B 1 -5.35 0.93 -13.24
CD PCA B 1 -6.71 1.52 -13.51
OE PCA B 1 -7.00 2.71 -13.45
C PCA B 1 -7.73 -1.15 -12.14
O PCA B 1 -8.17 -2.28 -11.91
N SER B 2 -7.77 -0.14 -11.26
CA SER B 2 -8.37 -0.26 -9.93
C SER B 2 -9.84 0.14 -10.05
N ALA B 3 -10.50 -0.37 -11.08
CA ALA B 3 -11.91 -0.08 -11.34
C ALA B 3 -12.71 -0.05 -10.05
N LEU B 4 -12.79 -1.20 -9.38
CA LEU B 4 -13.51 -1.29 -8.12
C LEU B 4 -12.75 -0.51 -7.06
N THR B 5 -13.46 0.27 -6.26
CA THR B 5 -12.83 1.06 -5.22
C THR B 5 -13.57 0.90 -3.89
N GLN B 6 -12.83 0.99 -2.79
CA GLN B 6 -13.41 0.86 -1.46
C GLN B 6 -12.58 1.53 -0.39
N PRO B 7 -13.24 2.00 0.69
CA PRO B 7 -12.63 2.68 1.84
C PRO B 7 -11.25 2.18 2.20
N PRO B 8 -10.41 3.06 2.76
CA PRO B 8 -9.07 2.64 3.15
C PRO B 8 -9.20 1.82 4.41
N SER B 9 -10.17 2.24 5.22
CA SER B 9 -10.46 1.59 6.49
C SER B 9 -11.92 1.71 6.89
N ALA B 10 -12.40 0.66 7.55
CA ALA B 10 -13.75 0.57 8.04
C ALA B 10 -13.58 -0.14 9.38
N SER B 11 -13.88 0.56 10.47
CA SER B 11 -13.71 0.00 11.80
C SER B 11 -14.93 0.14 12.71
N GLY B 12 -14.89 -0.63 13.79
CA GLY B 12 -15.96 -0.63 14.77
C GLY B 12 -15.51 -1.43 15.98
N SER B 13 -16.37 -1.57 16.97
CA SER B 13 -16.02 -2.30 18.15
C SER B 13 -16.72 -3.64 18.12
N LEU B 14 -16.67 -4.38 19.22
CA LEU B 14 -17.35 -5.66 19.25
C LEU B 14 -18.83 -5.32 19.23
N GLY B 15 -19.62 -6.18 18.60
CA GLY B 15 -21.05 -5.94 18.54
C GLY B 15 -21.48 -5.09 17.36
N GLN B 16 -20.74 -4.01 17.11
CA GLN B 16 -21.03 -3.10 16.00
C GLN B 16 -21.26 -3.83 14.68
N SER B 17 -21.52 -3.07 13.62
CA SER B 17 -21.75 -3.66 12.30
C SER B 17 -21.19 -2.81 11.17
N VAL B 18 -19.89 -2.89 10.96
CA VAL B 18 -19.24 -2.13 9.90
C VAL B 18 -19.86 -2.52 8.56
N THR B 19 -19.87 -1.59 7.60
CA THR B 19 -20.43 -1.89 6.28
C THR B 19 -19.53 -1.41 5.15
N ILE B 20 -18.60 -2.28 4.74
CA ILE B 20 -17.66 -1.99 3.67
C ILE B 20 -18.40 -1.76 2.35
N SER B 21 -17.81 -0.94 1.48
CA SER B 21 -18.39 -0.65 0.17
C SER B 21 -17.45 -1.13 -0.94
N CYS B 22 -17.96 -1.21 -2.17
CA CYS B 22 -17.14 -1.65 -3.30
C CYS B 22 -17.58 -0.83 -4.50
N THR B 23 -17.83 0.46 -4.24
CA THR B 23 -18.30 1.45 -5.22
C THR B 23 -17.45 1.51 -6.49
N GLY B 24 -17.21 0.35 -7.08
CA GLY B 24 -16.41 0.29 -8.28
C GLY B 24 -17.18 0.79 -9.48
N THR B 25 -17.75 1.97 -9.35
CA THR B 25 -18.49 2.54 -10.44
C THR B 25 -17.69 2.32 -11.71
N SER B 26 -16.85 3.29 -12.04
CA SER B 26 -16.05 3.24 -13.26
C SER B 26 -17.07 2.85 -14.30
N SER B 27 -18.33 3.20 -13.99
CA SER B 27 -19.52 2.96 -14.80
C SER B 27 -19.77 1.49 -15.18
N ASP B 28 -18.74 0.79 -15.65
CA ASP B 28 -18.84 -0.61 -16.05
C ASP B 28 -20.12 -0.82 -16.87
N VAL B 29 -20.43 -2.07 -17.18
CA VAL B 29 -21.66 -2.34 -17.95
C VAL B 29 -22.80 -2.03 -16.98
N GLY B 30 -22.45 -1.83 -15.71
CA GLY B 30 -23.44 -1.56 -14.69
C GLY B 30 -24.37 -2.76 -14.66
N GLY B 31 -23.81 -3.93 -15.01
CA GLY B 31 -24.57 -5.17 -15.05
C GLY B 31 -23.69 -6.40 -14.88
N TYR B 32 -22.73 -6.33 -13.95
CA TYR B 32 -21.85 -7.45 -13.67
C TYR B 32 -22.24 -7.96 -12.29
N ASN B 33 -23.19 -8.88 -12.24
CA ASN B 33 -23.66 -9.43 -10.98
C ASN B 33 -22.69 -10.39 -10.32
N TYR B 34 -21.48 -10.44 -10.84
CA TYR B 34 -20.48 -11.32 -10.24
C TYR B 34 -19.51 -10.48 -9.42
N VAL B 35 -19.83 -10.35 -8.13
CA VAL B 35 -19.00 -9.59 -7.22
C VAL B 35 -18.65 -10.52 -6.05
N SER B 36 -17.37 -10.71 -5.80
CA SER B 36 -16.92 -11.57 -4.71
C SER B 36 -16.33 -10.72 -3.56
N TRP B 37 -16.22 -11.29 -2.37
CA TRP B 37 -15.68 -10.56 -1.21
C TRP B 37 -14.63 -11.31 -0.41
N TYR B 38 -13.41 -11.36 -0.93
CA TYR B 38 -12.31 -12.04 -0.25
C TYR B 38 -11.96 -11.40 1.10
N GLN B 39 -11.79 -12.21 2.14
CA GLN B 39 -11.39 -11.71 3.45
C GLN B 39 -9.93 -12.10 3.61
N GLN B 40 -9.07 -11.16 3.98
CA GLN B 40 -7.66 -11.50 4.13
C GLN B 40 -7.02 -11.12 5.45
N HIS B 41 -6.88 -12.09 6.34
CA HIS B 41 -6.26 -11.80 7.61
C HIS B 41 -4.78 -11.51 7.35
N ALA B 42 -4.07 -11.12 8.40
CA ALA B 42 -2.64 -10.80 8.27
C ALA B 42 -1.76 -12.03 8.46
N GLY B 43 -0.94 -12.30 7.44
CA GLY B 43 -0.06 -13.45 7.48
C GLY B 43 -0.73 -14.74 7.06
N LYS B 44 -1.84 -14.63 6.33
CA LYS B 44 -2.58 -15.80 5.85
C LYS B 44 -3.07 -15.58 4.41
N ALA B 45 -3.50 -16.65 3.76
CA ALA B 45 -3.96 -16.57 2.37
C ALA B 45 -5.42 -16.18 2.27
N PRO B 46 -5.75 -15.28 1.33
CA PRO B 46 -7.12 -14.80 1.12
C PRO B 46 -8.15 -15.93 1.08
N LYS B 47 -9.43 -15.57 1.04
CA LYS B 47 -10.47 -16.60 0.99
C LYS B 47 -11.89 -16.10 0.73
N VAL B 48 -12.44 -16.45 -0.42
CA VAL B 48 -13.80 -16.07 -0.80
C VAL B 48 -14.74 -16.14 0.40
N ILE B 49 -15.20 -14.99 0.89
CA ILE B 49 -16.11 -14.94 2.05
C ILE B 49 -17.57 -14.78 1.61
N ILE B 50 -17.77 -14.21 0.44
CA ILE B 50 -19.09 -14.03 -0.14
C ILE B 50 -18.79 -14.02 -1.63
N TYR B 51 -19.76 -14.39 -2.45
CA TYR B 51 -19.55 -14.41 -3.88
C TYR B 51 -20.87 -14.16 -4.59
N GLU B 52 -20.80 -13.70 -5.84
CA GLU B 52 -21.98 -13.40 -6.62
C GLU B 52 -22.86 -12.40 -5.86
N VAL B 53 -22.33 -11.19 -5.64
CA VAL B 53 -23.07 -10.14 -4.93
C VAL B 53 -23.39 -10.52 -3.49
N ASN B 54 -24.19 -11.57 -3.33
CA ASN B 54 -24.60 -11.98 -1.99
C ASN B 54 -24.62 -13.46 -1.63
N LYS B 55 -24.06 -14.32 -2.47
CA LYS B 55 -24.07 -15.74 -2.13
C LYS B 55 -22.95 -16.12 -1.16
N ARG B 56 -23.27 -17.00 -0.22
CA ARG B 56 -22.30 -17.42 0.78
C ARG B 56 -21.95 -18.89 0.75
N PRO B 57 -20.65 -19.20 0.65
CA PRO B 57 -20.20 -20.59 0.62
C PRO B 57 -20.40 -21.28 1.96
N SER B 58 -20.01 -22.55 2.03
CA SER B 58 -20.14 -23.31 3.26
C SER B 58 -19.12 -22.74 4.24
N GLY B 59 -19.55 -22.56 5.48
CA GLY B 59 -18.68 -22.04 6.51
C GLY B 59 -19.09 -20.67 7.00
N VAL B 60 -18.94 -19.69 6.11
CA VAL B 60 -19.29 -18.30 6.38
C VAL B 60 -20.52 -18.12 7.27
N PRO B 61 -20.36 -17.47 8.43
CA PRO B 61 -21.48 -17.25 9.34
C PRO B 61 -22.45 -16.24 8.74
N ASP B 62 -23.72 -16.34 9.15
CA ASP B 62 -24.77 -15.44 8.65
C ASP B 62 -24.43 -13.98 8.91
N ARG B 63 -23.45 -13.77 9.80
CA ARG B 63 -23.00 -12.45 10.17
C ARG B 63 -22.61 -11.65 8.94
N PHE B 64 -22.52 -12.34 7.81
CA PHE B 64 -22.14 -11.68 6.58
C PHE B 64 -23.25 -11.63 5.53
N SER B 65 -23.42 -10.45 4.93
CA SER B 65 -24.42 -10.24 3.89
C SER B 65 -23.70 -9.63 2.70
N GLY B 66 -24.28 -9.77 1.51
CA GLY B 66 -23.69 -9.21 0.31
C GLY B 66 -24.76 -8.59 -0.56
N SER B 67 -24.43 -7.53 -1.29
CA SER B 67 -25.43 -6.90 -2.14
C SER B 67 -24.86 -5.82 -3.02
N LYS B 68 -25.53 -5.60 -4.17
CA LYS B 68 -25.12 -4.57 -5.12
C LYS B 68 -26.15 -3.45 -5.10
N SER B 69 -25.67 -2.24 -4.87
CA SER B 69 -26.53 -1.07 -4.79
C SER B 69 -26.30 -0.14 -5.99
N GLY B 70 -27.04 -0.37 -7.07
CA GLY B 70 -26.89 0.43 -8.27
C GLY B 70 -25.55 0.25 -8.96
N ASN B 71 -24.48 0.32 -8.18
CA ASN B 71 -23.12 0.17 -8.68
C ASN B 71 -22.23 0.00 -7.44
N THR B 72 -22.86 -0.33 -6.32
CA THR B 72 -22.17 -0.49 -5.05
C THR B 72 -22.32 -1.88 -4.44
N ALA B 73 -21.22 -2.61 -4.40
CA ALA B 73 -21.20 -3.94 -3.82
C ALA B 73 -20.85 -3.72 -2.36
N SER B 74 -21.73 -4.13 -1.46
CA SER B 74 -21.50 -3.95 -0.04
C SER B 74 -21.48 -5.25 0.73
N LEU B 75 -20.87 -5.21 1.91
CA LEU B 75 -20.74 -6.34 2.81
C LEU B 75 -20.89 -5.81 4.22
N THR B 76 -21.41 -6.63 5.12
CA THR B 76 -21.63 -6.21 6.50
C THR B 76 -21.26 -7.29 7.47
N VAL B 77 -20.46 -6.94 8.48
CA VAL B 77 -20.06 -7.91 9.49
C VAL B 77 -20.75 -7.61 10.82
N SER B 78 -22.09 -7.64 10.82
CA SER B 78 -22.88 -7.37 12.03
C SER B 78 -22.28 -8.11 13.22
N GLY B 79 -22.49 -7.56 14.41
CA GLY B 79 -21.95 -8.19 15.60
C GLY B 79 -20.46 -8.41 15.46
N LEU B 80 -19.80 -7.43 14.85
CA LEU B 80 -18.37 -7.48 14.62
C LEU B 80 -17.66 -8.34 15.66
N GLN B 81 -17.32 -9.57 15.29
CA GLN B 81 -16.64 -10.45 16.22
C GLN B 81 -15.16 -10.06 16.22
N ALA B 82 -14.46 -10.41 17.27
CA ALA B 82 -13.05 -10.09 17.34
C ALA B 82 -12.32 -10.67 16.12
N GLU B 83 -12.48 -11.96 15.91
CA GLU B 83 -11.83 -12.65 14.80
C GLU B 83 -12.27 -12.15 13.43
N ASP B 84 -12.76 -10.92 13.35
CA ASP B 84 -13.22 -10.40 12.07
C ASP B 84 -12.29 -9.32 11.53
N GLU B 85 -11.27 -8.99 12.30
CA GLU B 85 -10.32 -7.94 11.94
C GLU B 85 -9.29 -8.40 10.90
N ALA B 86 -9.50 -7.97 9.65
CA ALA B 86 -8.60 -8.32 8.56
C ALA B 86 -8.74 -7.29 7.46
N ASP B 87 -8.39 -7.70 6.23
CA ASP B 87 -8.51 -6.84 5.06
C ASP B 87 -9.65 -7.47 4.32
N TYR B 88 -10.53 -6.68 3.71
CA TYR B 88 -11.66 -7.24 2.98
C TYR B 88 -11.68 -6.76 1.53
N TYR B 89 -11.28 -7.61 0.59
CA TYR B 89 -11.25 -7.25 -0.84
C TYR B 89 -12.61 -7.47 -1.51
N CYS B 90 -12.75 -7.00 -2.75
CA CYS B 90 -14.00 -7.15 -3.50
C CYS B 90 -13.66 -7.17 -5.00
N SER B 91 -14.44 -7.90 -5.80
CA SER B 91 -14.17 -7.98 -7.22
C SER B 91 -15.35 -8.29 -8.12
N SER B 92 -15.16 -8.04 -9.41
CA SER B 92 -16.17 -8.28 -10.44
C SER B 92 -15.45 -8.97 -11.60
N TYR B 93 -15.99 -10.08 -12.09
CA TYR B 93 -15.34 -10.77 -13.20
C TYR B 93 -15.68 -10.11 -14.52
N GLU B 94 -14.68 -9.93 -15.38
CA GLU B 94 -14.92 -9.30 -16.66
C GLU B 94 -14.01 -9.85 -17.77
N GLY B 95 -14.60 -10.11 -18.94
CA GLY B 95 -13.87 -10.63 -20.09
C GLY B 95 -12.93 -11.84 -19.91
N SER B 96 -13.07 -12.56 -18.80
CA SER B 96 -12.24 -13.73 -18.51
C SER B 96 -10.76 -13.36 -18.41
N ASP B 97 -10.48 -12.08 -18.54
CA ASP B 97 -9.13 -11.55 -18.43
C ASP B 97 -9.19 -10.51 -17.31
N ASN B 98 -10.21 -9.66 -17.40
CA ASN B 98 -10.42 -8.60 -16.43
C ASN B 98 -11.05 -9.14 -15.15
N PHE B 99 -10.19 -9.38 -14.16
CA PHE B 99 -10.63 -9.87 -12.86
C PHE B 99 -10.52 -8.74 -11.84
N VAL B 100 -10.66 -7.51 -12.32
CA VAL B 100 -10.58 -6.30 -11.50
C VAL B 100 -10.75 -6.58 -10.02
N PHE B 101 -9.86 -6.00 -9.23
CA PHE B 101 -9.90 -6.20 -7.79
C PHE B 101 -10.05 -4.87 -7.05
N GLY B 102 -10.89 -4.86 -6.02
CA GLY B 102 -11.09 -3.65 -5.25
C GLY B 102 -9.74 -3.20 -4.72
N THR B 103 -9.72 -2.28 -3.75
CA THR B 103 -8.45 -1.82 -3.22
C THR B 103 -8.16 -2.26 -1.79
N GLY B 104 -9.11 -2.93 -1.16
CA GLY B 104 -8.90 -3.40 0.20
C GLY B 104 -9.39 -2.53 1.33
N THR B 105 -10.14 -3.13 2.25
CA THR B 105 -10.69 -2.45 3.41
C THR B 105 -10.28 -3.21 4.65
N LYS B 106 -9.56 -2.54 5.54
CA LYS B 106 -9.09 -3.19 6.76
C LYS B 106 -9.95 -2.89 7.97
N VAL B 107 -10.78 -3.85 8.35
CA VAL B 107 -11.63 -3.68 9.53
C VAL B 107 -10.73 -3.68 10.77
N THR B 108 -11.21 -3.04 11.84
CA THR B 108 -10.45 -2.99 13.07
C THR B 108 -11.37 -2.82 14.26
N VAL B 109 -11.37 -3.81 15.16
CA VAL B 109 -12.19 -3.70 16.35
C VAL B 109 -11.48 -2.64 17.14
N LEU B 110 -12.07 -1.45 17.19
CA LEU B 110 -11.49 -0.32 17.88
C LEU B 110 -10.74 -0.69 19.15
N GLY B 111 -9.50 -0.25 19.23
CA GLY B 111 -8.68 -0.52 20.39
C GLY B 111 -8.41 0.76 21.17
N GLN B 112 -8.60 1.88 20.48
CA GLN B 112 -8.40 3.20 21.08
C GLN B 112 -9.32 4.17 20.36
N PRO B 113 -9.38 5.42 20.83
CA PRO B 113 -10.25 6.38 20.15
C PRO B 113 -9.86 6.50 18.68
N LYS B 114 -10.73 7.08 17.88
CA LYS B 114 -10.45 7.26 16.47
C LYS B 114 -9.58 8.51 16.32
N ALA B 115 -8.51 8.38 15.55
CA ALA B 115 -7.58 9.48 15.31
C ALA B 115 -7.53 9.75 13.82
N ASN B 116 -7.96 10.94 13.43
CA ASN B 116 -7.94 11.34 12.03
C ASN B 116 -6.52 11.74 11.66
N PRO B 117 -6.18 11.61 10.37
CA PRO B 117 -4.84 11.96 9.94
C PRO B 117 -4.53 13.44 10.02
N THR B 118 -3.25 13.77 10.18
CA THR B 118 -2.78 15.14 10.25
C THR B 118 -1.80 15.34 9.11
N VAL B 119 -2.32 15.69 7.94
CA VAL B 119 -1.51 15.89 6.76
C VAL B 119 -0.88 17.27 6.69
N THR B 120 0.38 17.29 6.31
CA THR B 120 1.12 18.53 6.17
C THR B 120 1.85 18.41 4.84
N LEU B 121 1.54 19.28 3.89
CA LEU B 121 2.21 19.22 2.60
C LEU B 121 3.49 20.05 2.60
N PHE B 122 4.56 19.45 2.06
CA PHE B 122 5.88 20.06 1.98
C PHE B 122 6.32 20.32 0.54
N PRO B 123 6.85 21.53 0.27
CA PRO B 123 7.32 21.88 -1.06
C PRO B 123 8.83 21.61 -1.13
N PRO B 124 9.41 21.56 -2.34
CA PRO B 124 10.85 21.30 -2.44
C PRO B 124 11.67 22.44 -1.86
N SER B 125 12.45 22.16 -0.82
CA SER B 125 13.28 23.20 -0.21
C SER B 125 14.13 23.89 -1.27
N SER B 126 14.37 25.18 -1.07
CA SER B 126 15.15 25.97 -2.02
C SER B 126 16.42 25.25 -2.43
N GLU B 127 17.26 24.89 -1.47
CA GLU B 127 18.53 24.22 -1.76
C GLU B 127 18.35 23.03 -2.71
N GLU B 128 17.18 22.41 -2.70
CA GLU B 128 16.91 21.26 -3.56
C GLU B 128 16.69 21.68 -5.01
N LEU B 129 16.04 22.82 -5.19
CA LEU B 129 15.77 23.35 -6.53
C LEU B 129 17.09 23.88 -7.01
N GLN B 130 18.08 23.86 -6.12
CA GLN B 130 19.42 24.34 -6.43
C GLN B 130 20.24 23.16 -6.90
N ALA B 131 19.57 22.02 -7.06
CA ALA B 131 20.20 20.78 -7.53
C ALA B 131 19.39 20.23 -8.70
N ASN B 132 18.58 21.10 -9.30
CA ASN B 132 17.73 20.76 -10.43
C ASN B 132 16.87 19.53 -10.16
N LYS B 133 16.01 19.66 -9.15
CA LYS B 133 15.09 18.60 -8.75
C LYS B 133 14.06 19.14 -7.77
N ALA B 134 12.89 18.51 -7.78
CA ALA B 134 11.80 18.88 -6.90
C ALA B 134 11.15 17.61 -6.34
N THR B 135 10.87 17.63 -5.05
CA THR B 135 10.26 16.51 -4.36
C THR B 135 9.21 17.08 -3.46
N LEU B 136 7.98 16.59 -3.57
CA LEU B 136 6.91 17.06 -2.72
C LEU B 136 6.54 15.92 -1.78
N VAL B 137 6.77 16.16 -0.49
CA VAL B 137 6.51 15.18 0.56
C VAL B 137 5.20 15.49 1.28
N CYS B 138 4.32 14.49 1.33
CA CYS B 138 3.05 14.64 2.03
C CYS B 138 3.17 13.78 3.28
N LEU B 139 3.18 14.41 4.44
CA LEU B 139 3.31 13.71 5.71
C LEU B 139 1.96 13.54 6.37
N ILE B 140 1.60 12.28 6.64
CA ILE B 140 0.33 11.95 7.28
C ILE B 140 0.59 11.35 8.66
N SER B 141 0.26 12.08 9.72
CA SER B 141 0.50 11.58 11.07
C SER B 141 -0.70 11.62 12.01
N ASP B 142 -0.62 10.81 13.06
CA ASP B 142 -1.63 10.70 14.10
C ASP B 142 -3.01 10.20 13.69
N PHE B 143 -3.13 8.92 13.35
CA PHE B 143 -4.44 8.36 12.98
C PHE B 143 -4.76 6.94 13.50
N TYR B 144 -5.95 6.46 13.16
CA TYR B 144 -6.38 5.13 13.60
C TYR B 144 -7.81 4.76 13.16
N PRO B 145 -8.00 3.56 12.58
CA PRO B 145 -7.04 2.50 12.28
C PRO B 145 -5.94 2.94 11.31
N GLY B 146 -4.88 2.13 11.21
CA GLY B 146 -3.79 2.46 10.32
C GLY B 146 -4.12 2.19 8.86
N ALA B 147 -5.14 2.85 8.35
CA ALA B 147 -5.51 2.66 6.95
C ALA B 147 -5.86 4.00 6.34
N VAL B 148 -5.01 4.48 5.45
CA VAL B 148 -5.22 5.76 4.79
C VAL B 148 -5.18 5.62 3.28
N THR B 149 -5.72 6.61 2.57
CA THR B 149 -5.75 6.64 1.11
C THR B 149 -5.17 7.98 0.66
N VAL B 150 -4.20 7.97 -0.22
CA VAL B 150 -3.58 9.21 -0.67
C VAL B 150 -3.82 9.49 -2.15
N ALA B 151 -4.14 10.74 -2.47
CA ALA B 151 -4.35 11.11 -3.87
C ALA B 151 -3.52 12.36 -4.20
N TRP B 152 -3.06 12.49 -5.43
CA TRP B 152 -2.26 13.65 -5.82
C TRP B 152 -2.89 14.36 -7.01
N LYS B 153 -2.82 15.69 -7.01
CA LYS B 153 -3.39 16.49 -8.08
C LYS B 153 -2.51 17.70 -8.38
N ALA B 154 -2.26 17.94 -9.66
CA ALA B 154 -1.47 19.08 -10.06
C ALA B 154 -2.39 20.04 -10.81
N ASP B 155 -2.80 21.10 -10.13
CA ASP B 155 -3.70 22.13 -10.68
C ASP B 155 -5.16 21.72 -10.56
N GLY B 156 -5.40 20.64 -9.83
CA GLY B 156 -6.75 20.13 -9.66
C GLY B 156 -6.86 18.79 -10.36
N SER B 157 -6.09 18.65 -11.45
CA SER B 157 -6.06 17.43 -12.25
C SER B 157 -5.19 16.38 -11.59
N PRO B 158 -5.72 15.17 -11.40
CA PRO B 158 -4.98 14.08 -10.76
C PRO B 158 -3.55 13.86 -11.26
N VAL B 159 -2.72 13.36 -10.35
CA VAL B 159 -1.32 13.06 -10.65
C VAL B 159 -1.21 11.53 -10.52
N LYS B 160 -1.53 10.85 -11.62
CA LYS B 160 -1.51 9.39 -11.68
C LYS B 160 -0.13 8.75 -11.70
N ALA B 161 0.92 9.52 -12.01
CA ALA B 161 2.27 8.95 -12.05
C ALA B 161 3.33 9.77 -11.32
N GLY B 162 4.36 9.09 -10.83
CA GLY B 162 5.44 9.77 -10.12
C GLY B 162 5.18 9.96 -8.65
N VAL B 163 4.13 9.31 -8.14
CA VAL B 163 3.73 9.42 -6.74
C VAL B 163 4.10 8.17 -5.98
N GLU B 164 4.54 8.35 -4.73
CA GLU B 164 4.93 7.23 -3.89
C GLU B 164 4.33 7.31 -2.50
N THR B 165 3.79 6.20 -2.03
CA THR B 165 3.18 6.13 -0.71
C THR B 165 3.86 5.07 0.12
N THR B 166 4.04 5.33 1.41
CA THR B 166 4.68 4.39 2.32
C THR B 166 3.55 3.56 2.96
N LYS B 167 3.90 2.60 3.81
CA LYS B 167 2.90 1.77 4.48
C LYS B 167 2.79 2.15 5.94
N PRO B 168 1.55 2.40 6.43
CA PRO B 168 1.26 2.79 7.81
C PRO B 168 2.13 2.09 8.86
N SER B 169 2.85 2.89 9.64
CA SER B 169 3.73 2.38 10.66
C SER B 169 3.40 3.00 12.02
N LYS B 170 3.15 2.16 13.01
CA LYS B 170 2.81 2.62 14.35
C LYS B 170 3.85 3.54 14.96
N GLN B 171 3.41 4.71 15.41
CA GLN B 171 4.30 5.70 16.06
C GLN B 171 4.55 5.29 17.50
N SER B 172 5.29 6.11 18.23
CA SER B 172 5.59 5.79 19.60
C SER B 172 4.35 5.87 20.46
N ASN B 173 3.33 6.56 19.94
CA ASN B 173 2.06 6.70 20.64
C ASN B 173 1.10 5.65 20.09
N ASN B 174 1.68 4.64 19.47
CA ASN B 174 0.90 3.57 18.88
C ASN B 174 -0.16 4.12 17.92
N LYS B 175 0.10 5.31 17.41
CA LYS B 175 -0.79 5.94 16.45
C LYS B 175 -0.06 5.90 15.13
N TYR B 176 -0.73 5.37 14.09
CA TYR B 176 -0.11 5.25 12.78
C TYR B 176 0.21 6.58 12.10
N ALA B 177 1.16 6.52 11.17
CA ALA B 177 1.60 7.67 10.41
C ALA B 177 2.41 7.19 9.22
N ALA B 178 1.88 7.39 8.03
CA ALA B 178 2.53 7.01 6.79
C ALA B 178 2.99 8.28 6.08
N SER B 179 3.57 8.14 4.89
CA SER B 179 4.06 9.29 4.14
C SER B 179 4.08 9.05 2.66
N SER B 180 3.73 10.06 1.90
CA SER B 180 3.70 9.94 0.46
C SER B 180 4.45 11.09 -0.21
N TYR B 181 5.17 10.78 -1.27
CA TYR B 181 5.94 11.76 -2.00
C TYR B 181 5.79 11.67 -3.51
N LEU B 182 5.97 12.81 -4.17
CA LEU B 182 5.87 12.87 -5.62
C LEU B 182 7.12 13.59 -6.12
N SER B 183 7.95 12.86 -6.88
CA SER B 183 9.18 13.41 -7.44
C SER B 183 8.96 14.01 -8.82
N LEU B 184 9.46 15.23 -9.03
CA LEU B 184 9.28 15.89 -10.33
C LEU B 184 10.37 16.91 -10.62
N THR B 185 10.59 17.18 -11.90
CA THR B 185 11.59 18.14 -12.33
C THR B 185 11.18 19.56 -11.98
N PRO B 186 12.14 20.42 -11.63
CA PRO B 186 11.79 21.80 -11.30
C PRO B 186 10.78 22.38 -12.28
N GLU B 187 10.86 21.96 -13.54
CA GLU B 187 9.92 22.45 -14.57
C GLU B 187 8.48 22.11 -14.19
N GLN B 188 8.20 20.82 -14.01
CA GLN B 188 6.86 20.36 -13.62
C GLN B 188 6.43 21.20 -12.45
N TRP B 189 7.34 21.31 -11.49
CA TRP B 189 7.08 22.10 -10.30
C TRP B 189 6.54 23.45 -10.74
N LYS B 190 7.45 24.29 -11.23
CA LYS B 190 7.12 25.63 -11.68
C LYS B 190 5.97 25.77 -12.70
N SER B 191 5.80 24.78 -13.57
CA SER B 191 4.75 24.86 -14.58
C SER B 191 3.32 24.64 -14.11
N HIS B 192 3.10 24.43 -12.82
CA HIS B 192 1.75 24.16 -12.33
C HIS B 192 1.19 25.18 -11.36
N ARG B 193 -0.11 25.43 -11.46
CA ARG B 193 -0.84 26.38 -10.61
C ARG B 193 -0.58 26.18 -9.12
N SER B 194 -0.99 25.01 -8.64
CA SER B 194 -0.84 24.64 -7.25
C SER B 194 -0.83 23.13 -7.15
N TYR B 195 -0.14 22.59 -6.16
CA TYR B 195 -0.10 21.15 -5.98
C TYR B 195 -0.90 20.79 -4.75
N SER B 196 -1.53 19.63 -4.80
CA SER B 196 -2.35 19.21 -3.68
C SER B 196 -2.23 17.72 -3.38
N CYS B 197 -2.32 17.41 -2.11
CA CYS B 197 -2.27 16.05 -1.61
C CYS B 197 -3.55 15.94 -0.79
N GLN B 198 -4.18 14.78 -0.76
CA GLN B 198 -5.40 14.64 0.01
C GLN B 198 -5.62 13.20 0.44
N VAL B 199 -5.40 12.92 1.72
CA VAL B 199 -5.58 11.57 2.23
C VAL B 199 -7.03 11.31 2.62
N THR B 200 -7.40 10.03 2.65
CA THR B 200 -8.76 9.59 2.98
C THR B 200 -8.70 8.79 4.27
N HIS B 201 -9.79 8.78 5.03
CA HIS B 201 -9.82 8.02 6.26
C HIS B 201 -11.16 7.98 6.98
N GLU B 202 -12.10 7.18 6.50
CA GLU B 202 -13.40 7.08 7.18
C GLU B 202 -14.28 8.34 7.20
N GLY B 203 -14.77 8.78 6.04
CA GLY B 203 -15.62 9.96 6.00
C GLY B 203 -14.91 11.29 5.79
N SER B 204 -13.94 11.57 6.65
CA SER B 204 -13.14 12.79 6.57
C SER B 204 -12.25 12.74 5.34
N THR B 205 -11.95 13.90 4.75
CA THR B 205 -11.08 13.92 3.59
C THR B 205 -10.29 15.20 3.51
N VAL B 206 -9.50 15.47 4.54
CA VAL B 206 -8.67 16.68 4.60
C VAL B 206 -7.69 16.76 3.45
N GLU B 207 -7.66 17.92 2.81
CA GLU B 207 -6.78 18.14 1.68
C GLU B 207 -5.98 19.42 1.86
N LYS B 208 -4.69 19.35 1.55
CA LYS B 208 -3.78 20.47 1.68
C LYS B 208 -3.17 20.85 0.34
N THR B 209 -3.30 22.13 -0.01
CA THR B 209 -2.79 22.67 -1.26
C THR B 209 -1.50 23.47 -1.05
N VAL B 210 -0.58 23.31 -1.99
CA VAL B 210 0.71 23.98 -1.94
C VAL B 210 1.01 24.64 -3.28
N ALA B 211 1.26 25.95 -3.24
CA ALA B 211 1.55 26.69 -4.46
C ALA B 211 3.04 26.84 -4.68
N PRO B 212 3.48 26.82 -5.96
CA PRO B 212 4.89 26.96 -6.29
C PRO B 212 5.26 28.44 -6.34
N THR B 213 5.60 28.99 -5.18
CA THR B 213 5.98 30.40 -5.06
C THR B 213 7.43 30.49 -4.60
N GLU B 214 7.97 29.34 -4.23
CA GLU B 214 9.34 29.20 -3.74
C GLU B 214 10.35 30.30 -4.07
N CYS B 215 11.30 30.43 -3.15
CA CYS B 215 12.36 31.43 -3.20
C CYS B 215 13.39 31.17 -4.30
N SER B 216 13.42 29.94 -4.81
CA SER B 216 14.36 29.59 -5.86
C SER B 216 13.63 29.01 -7.07
N1 PME C . -18.52 -24.26 -14.94
C2 PME C . -18.10 -24.76 -13.61
C3 PME C . -16.71 -25.40 -13.71
C4 PME C . -16.56 -26.68 -12.87
O5 PME C . -17.57 -27.39 -12.61
O6 PME C . -15.41 -26.98 -12.47
C7 PME C . -18.07 -23.55 -12.68
O8 PME C . -17.01 -23.06 -12.31
N9 PME C . -19.26 -23.11 -12.32
C10 PME C . -19.43 -21.93 -11.47
C11 PME C . -18.74 -22.09 -10.11
C12 PME C . -18.73 -20.82 -9.28
C13 PME C . -17.89 -20.72 -8.17
C14 PME C . -17.87 -19.53 -7.42
C15 PME C . -18.69 -18.44 -7.77
C16 PME C . -19.52 -18.55 -8.88
C17 PME C . -19.54 -19.73 -9.63
C18 PME C . -18.84 -20.73 -12.21
O19 PME C . -19.60 -20.04 -12.92
O20 PME C . -17.38 -20.33 -12.08
C21 PME C . -17.37 -18.89 -11.87
N1 PME D . -15.56 -15.41 -12.60
C2 PME D . -15.50 -16.89 -12.69
C3 PME D . -14.74 -17.32 -13.94
C4 PME D . -15.43 -18.44 -14.70
O5 PME D . -16.68 -18.45 -14.73
O6 PME D . -14.72 -19.30 -15.27
C7 PME D . -14.81 -17.39 -11.44
O8 PME D . -14.68 -18.61 -11.21
N9 PME D . -14.35 -16.42 -10.65
C10 PME D . -13.66 -16.71 -9.39
C11 PME D . -12.20 -16.21 -9.44
C12 PME D . -12.03 -14.70 -9.27
C13 PME D . -10.79 -14.18 -8.88
C14 PME D . -10.63 -12.82 -8.69
C15 PME D . -11.70 -11.94 -8.90
C16 PME D . -12.93 -12.45 -9.29
C17 PME D . -13.09 -13.82 -9.48
C18 PME D . -14.42 -16.07 -8.21
O19 PME D . -14.89 -14.92 -8.30
O20 PME D . -14.65 -16.82 -6.96
C21 PME D . -16.10 -16.95 -6.80
#